data_2X1T
#
_entry.id   2X1T
#
_cell.length_a   45.640
_cell.length_b   86.850
_cell.length_c   55.880
_cell.angle_alpha   90.00
_cell.angle_beta   97.33
_cell.angle_gamma   90.00
#
_symmetry.space_group_name_H-M   'P 1 21 1'
#
loop_
_entity.id
_entity.type
_entity.pdbx_description
1 polymer 'TRIOSEPHOSPHATE ISOMERASE, GLYCOSOMAL'
2 non-polymer '4-PHOSPHO-D-ERYTHRONOHYDROXAMIC ACID'
3 water water
#
_entity_poly.entity_id   1
_entity_poly.type   'polypeptide(L)'
_entity_poly.pdbx_seq_one_letter_code
;SKPQPIAAANWKSGSPDSLSELIDLFNSTSINHDVQCVVASTFVHLAMTKERLSHPKFVIAAQNAGNADALASLKDFGVN
WIVLGHSERRWYYGETNEIVADKVAAAVASGFMVIACIGETLQERESGRTAVVVLTQIAAIAKKLKKADWAKVVIAYEPV
WAIGTGKVATPQQAQEAHALIRSWVSSKIGADVAGELRILYGGSVNGKNARTLYQQRDVNGFLAGLKPEFVDIIKATQ
;
_entity_poly.pdbx_strand_id   A,B
#
# COMPACT_ATOMS: atom_id res chain seq x y z
N SER A 1 -11.77 13.72 6.19
CA SER A 1 -12.31 12.42 5.87
C SER A 1 -11.48 11.29 6.49
N LYS A 2 -11.98 10.05 6.40
CA LYS A 2 -11.30 8.89 6.94
C LYS A 2 -10.03 8.57 6.17
N PRO A 3 -9.01 8.06 6.87
CA PRO A 3 -7.81 7.58 6.17
C PRO A 3 -8.12 6.27 5.47
N GLN A 4 -7.14 5.70 4.76
CA GLN A 4 -7.33 4.45 4.08
C GLN A 4 -7.73 3.35 5.05
N PRO A 5 -8.85 2.65 4.78
CA PRO A 5 -9.24 1.63 5.75
C PRO A 5 -8.37 0.38 5.63
N ILE A 6 -8.37 -0.43 6.68
CA ILE A 6 -7.68 -1.71 6.67
C ILE A 6 -8.65 -2.82 7.02
N ALA A 7 -8.60 -3.91 6.26
CA ALA A 7 -9.33 -5.12 6.62
C ALA A 7 -8.26 -6.16 6.89
N ALA A 8 -8.14 -6.57 8.14
CA ALA A 8 -7.09 -7.52 8.50
C ALA A 8 -7.69 -8.78 9.09
N ALA A 9 -7.17 -9.93 8.67
CA ALA A 9 -7.64 -11.19 9.21
C ALA A 9 -6.52 -11.85 10.00
N ASN A 10 -6.84 -12.27 11.23
CA ASN A 10 -5.85 -12.74 12.17
C ASN A 10 -6.00 -14.23 12.43
N TRP A 11 -5.04 -15.01 11.97
CA TRP A 11 -5.09 -16.45 12.13
C TRP A 11 -4.98 -16.86 13.60
N LYS A 12 -5.71 -17.90 13.96
CA LYS A 12 -5.60 -18.49 15.29
C LYS A 12 -6.02 -19.95 15.26
N SER A 18 -10.16 -24.62 5.95
CA SER A 18 -9.10 -24.83 4.98
C SER A 18 -8.43 -23.52 4.58
N LEU A 19 -7.20 -23.32 5.03
CA LEU A 19 -6.45 -22.11 4.72
C LEU A 19 -6.29 -21.94 3.21
N SER A 20 -5.95 -23.02 2.50
CA SER A 20 -5.78 -22.96 1.06
C SER A 20 -7.03 -22.45 0.36
N GLU A 21 -8.18 -22.95 0.78
CA GLU A 21 -9.45 -22.59 0.14
C GLU A 21 -9.81 -21.14 0.37
N LEU A 22 -9.47 -20.61 1.55
CA LEU A 22 -9.74 -19.20 1.85
C LEU A 22 -8.85 -18.29 1.03
N ILE A 23 -7.59 -18.71 0.86
CA ILE A 23 -6.64 -17.94 0.06
C ILE A 23 -7.10 -17.84 -1.39
N ASP A 24 -7.54 -18.96 -1.95
CA ASP A 24 -8.07 -18.96 -3.32
C ASP A 24 -9.27 -18.03 -3.42
N LEU A 25 -10.18 -18.13 -2.45
CA LEU A 25 -11.31 -17.22 -2.41
C LEU A 25 -10.80 -15.78 -2.44
N PHE A 26 -9.85 -15.47 -1.57
CA PHE A 26 -9.31 -14.10 -1.51
C PHE A 26 -8.73 -13.70 -2.86
N ASN A 27 -7.87 -14.54 -3.41
CA ASN A 27 -7.27 -14.28 -4.73
C ASN A 27 -8.28 -13.96 -5.81
N SER A 28 -9.42 -14.64 -5.76
CA SER A 28 -10.47 -14.48 -6.78
C SER A 28 -11.37 -13.26 -6.55
N THR A 29 -11.18 -12.57 -5.43
CA THR A 29 -12.07 -11.47 -5.07
C THR A 29 -11.66 -10.14 -5.69
N SER A 30 -12.52 -9.58 -6.53
CA SER A 30 -12.31 -8.23 -7.04
C SER A 30 -12.69 -7.24 -5.95
N ILE A 31 -11.72 -6.43 -5.55
CA ILE A 31 -11.92 -5.44 -4.54
C ILE A 31 -11.86 -4.09 -5.20
N ASN A 32 -13.01 -3.40 -5.24
CA ASN A 32 -13.19 -2.25 -6.10
C ASN A 32 -12.83 -0.89 -5.50
N HIS A 33 -12.56 -0.87 -4.19
CA HIS A 33 -12.23 0.37 -3.53
C HIS A 33 -10.86 0.31 -2.87
N ASP A 34 -10.45 1.42 -2.27
CA ASP A 34 -9.13 1.51 -1.68
C ASP A 34 -9.14 1.01 -0.23
N VAL A 35 -8.56 -0.16 -0.02
CA VAL A 35 -8.47 -0.73 1.31
C VAL A 35 -7.25 -1.63 1.35
N GLN A 36 -6.45 -1.49 2.42
CA GLN A 36 -5.31 -2.38 2.62
C GLN A 36 -5.81 -3.62 3.33
N CYS A 37 -5.63 -4.77 2.70
CA CYS A 37 -6.05 -6.03 3.30
C CYS A 37 -4.81 -6.70 3.84
N VAL A 38 -4.99 -7.44 4.92
CA VAL A 38 -3.89 -8.05 5.61
C VAL A 38 -4.29 -9.43 6.06
N VAL A 39 -3.42 -10.40 5.84
CA VAL A 39 -3.61 -11.74 6.36
C VAL A 39 -2.47 -12.04 7.34
N ALA A 40 -2.81 -12.18 8.61
CA ALA A 40 -1.80 -12.40 9.63
C ALA A 40 -1.74 -13.87 10.00
N SER A 41 -0.54 -14.43 9.96
CA SER A 41 -0.34 -15.86 10.07
C SER A 41 0.57 -16.20 11.23
N THR A 42 0.30 -17.32 11.91
CA THR A 42 1.28 -17.88 12.84
C THR A 42 2.49 -18.35 12.01
N PHE A 43 3.64 -18.43 12.65
CA PHE A 43 4.91 -18.66 11.95
C PHE A 43 4.87 -19.85 10.99
N VAL A 44 4.28 -20.96 11.42
CA VAL A 44 4.31 -22.18 10.61
C VAL A 44 3.53 -22.07 9.30
N HIS A 45 2.57 -21.17 9.24
CA HIS A 45 1.77 -21.00 8.04
C HIS A 45 2.29 -19.88 7.14
N LEU A 46 3.30 -19.14 7.59
CA LEU A 46 3.77 -17.96 6.88
C LEU A 46 4.22 -18.26 5.46
N ALA A 47 5.09 -19.26 5.31
CA ALA A 47 5.66 -19.60 4.02
C ALA A 47 4.60 -19.97 2.97
N MET A 48 3.64 -20.80 3.37
CA MET A 48 2.57 -21.20 2.45
C MET A 48 1.66 -20.02 2.10
N THR A 49 1.27 -19.23 3.11
CA THR A 49 0.42 -18.08 2.88
C THR A 49 1.11 -17.10 1.93
N LYS A 50 2.36 -16.77 2.26
CA LYS A 50 3.19 -15.93 1.42
C LYS A 50 3.18 -16.36 -0.04
N GLU A 51 3.31 -17.67 -0.29
CA GLU A 51 3.41 -18.15 -1.66
C GLU A 51 2.06 -18.33 -2.36
N ARG A 52 1.01 -18.61 -1.60
CA ARG A 52 -0.31 -18.84 -2.19
C ARG A 52 -1.11 -17.55 -2.34
N LEU A 53 -0.97 -16.64 -1.39
CA LEU A 53 -1.69 -15.38 -1.46
C LEU A 53 -1.02 -14.48 -2.48
N SER A 54 -1.77 -14.05 -3.50
CA SER A 54 -1.17 -13.27 -4.57
C SER A 54 -1.95 -12.00 -4.86
N HIS A 55 -3.08 -11.80 -4.19
CA HIS A 55 -3.88 -10.60 -4.44
C HIS A 55 -3.05 -9.39 -4.06
N PRO A 56 -2.83 -8.47 -5.01
CA PRO A 56 -1.88 -7.39 -4.68
C PRO A 56 -2.40 -6.35 -3.68
N LYS A 57 -3.69 -6.39 -3.33
CA LYS A 57 -4.23 -5.49 -2.30
C LYS A 57 -4.10 -6.10 -0.90
N PHE A 58 -3.50 -7.28 -0.83
CA PHE A 58 -3.19 -7.97 0.43
C PHE A 58 -1.70 -7.91 0.72
N VAL A 59 -1.38 -7.87 2.01
CA VAL A 59 -0.01 -8.10 2.47
C VAL A 59 -0.09 -9.18 3.54
N ILE A 60 1.00 -9.95 3.66
CA ILE A 60 1.12 -10.90 4.76
C ILE A 60 1.59 -10.22 6.04
N ALA A 61 1.08 -10.65 7.18
CA ALA A 61 1.60 -10.19 8.45
C ALA A 61 2.03 -11.37 9.30
N ALA A 62 3.09 -11.15 10.08
CA ALA A 62 3.49 -12.10 11.11
C ALA A 62 2.74 -11.74 12.39
N GLN A 63 2.90 -12.56 13.42
CA GLN A 63 2.31 -12.25 14.72
C GLN A 63 3.35 -12.43 15.82
N ASN A 64 3.33 -11.54 16.81
CA ASN A 64 3.97 -11.78 18.10
C ASN A 64 5.51 -11.86 18.19
N ALA A 65 6.21 -11.77 17.07
CA ALA A 65 7.66 -11.76 17.11
C ALA A 65 8.18 -10.63 17.98
N GLY A 66 9.08 -10.96 18.91
CA GLY A 66 9.59 -9.97 19.85
C GLY A 66 11.10 -9.89 19.90
N ASN A 67 11.75 -10.77 19.14
CA ASN A 67 13.21 -10.83 19.06
C ASN A 67 13.76 -10.15 17.82
N ALA A 68 14.76 -9.30 18.00
CA ALA A 68 15.30 -8.48 16.91
C ALA A 68 15.78 -9.31 15.72
N ASP A 69 16.45 -10.43 15.98
CA ASP A 69 16.94 -11.25 14.89
C ASP A 69 15.78 -11.89 14.13
N ALA A 70 14.73 -12.27 14.85
CA ALA A 70 13.57 -12.87 14.20
C ALA A 70 12.84 -11.82 13.35
N LEU A 71 12.74 -10.60 13.87
CA LEU A 71 12.16 -9.50 13.10
C LEU A 71 12.96 -9.24 11.82
N ALA A 72 14.28 -9.21 11.93
CA ALA A 72 15.12 -9.00 10.76
C ALA A 72 14.90 -10.11 9.73
N SER A 73 14.80 -11.35 10.20
CA SER A 73 14.62 -12.49 9.30
C SER A 73 13.27 -12.45 8.60
N LEU A 74 12.23 -12.05 9.33
CA LEU A 74 10.91 -11.88 8.72
C LEU A 74 10.97 -10.85 7.61
N LYS A 75 11.58 -9.71 7.91
CA LYS A 75 11.69 -8.62 6.94
C LYS A 75 12.45 -9.13 5.70
N ASP A 76 13.57 -9.79 5.94
CA ASP A 76 14.38 -10.36 4.87
C ASP A 76 13.54 -11.34 4.06
N PHE A 77 12.61 -12.00 4.74
CA PHE A 77 11.74 -12.99 4.12
C PHE A 77 10.59 -12.36 3.30
N GLY A 78 10.44 -11.04 3.39
CA GLY A 78 9.41 -10.37 2.61
C GLY A 78 8.13 -10.09 3.39
N VAL A 79 8.22 -10.17 4.71
CA VAL A 79 7.07 -9.87 5.56
C VAL A 79 7.28 -8.48 6.19
N ASN A 80 6.33 -7.58 5.97
CA ASN A 80 6.53 -6.18 6.29
C ASN A 80 5.50 -5.67 7.30
N TRP A 81 4.58 -6.55 7.68
CA TRP A 81 3.52 -6.23 8.63
C TRP A 81 3.57 -7.21 9.81
N ILE A 82 3.09 -6.77 10.96
CA ILE A 82 3.07 -7.66 12.11
C ILE A 82 1.95 -7.21 13.04
N VAL A 83 1.32 -8.18 13.70
CA VAL A 83 0.27 -7.92 14.68
C VAL A 83 0.87 -8.21 16.06
N LEU A 84 0.66 -7.30 17.01
CA LEU A 84 1.25 -7.42 18.33
C LEU A 84 0.22 -7.03 19.38
N GLY A 85 0.29 -7.66 20.55
CA GLY A 85 -0.56 -7.26 21.66
C GLY A 85 -1.95 -7.84 21.63
N HIS A 86 -2.22 -8.72 20.68
CA HIS A 86 -3.55 -9.33 20.57
C HIS A 86 -3.97 -9.92 21.91
N SER A 87 -5.26 -9.89 22.19
CA SER A 87 -5.77 -10.08 23.54
C SER A 87 -5.15 -11.25 24.32
N GLU A 88 -5.13 -12.43 23.71
CA GLU A 88 -4.68 -13.61 24.43
C GLU A 88 -3.21 -13.50 24.78
N ARG A 89 -2.47 -12.67 24.06
CA ARG A 89 -1.06 -12.49 24.39
C ARG A 89 -0.98 -11.89 25.77
N ARG A 90 -1.96 -11.06 26.10
CA ARG A 90 -1.96 -10.36 27.37
C ARG A 90 -2.62 -11.18 28.49
N TRP A 91 -3.80 -11.74 28.25
CA TRP A 91 -4.53 -12.41 29.33
C TRP A 91 -4.09 -13.84 29.60
N TYR A 92 -3.36 -14.42 28.65
CA TYR A 92 -2.88 -15.80 28.79
C TYR A 92 -1.36 -15.87 28.82
N TYR A 93 -0.72 -15.31 27.80
CA TYR A 93 0.74 -15.46 27.69
C TYR A 93 1.49 -14.51 28.62
N GLY A 94 0.79 -13.54 29.18
CA GLY A 94 1.38 -12.65 30.15
C GLY A 94 2.21 -11.52 29.57
N GLU A 95 1.97 -11.16 28.31
CA GLU A 95 2.62 -9.98 27.77
C GLU A 95 2.01 -8.75 28.42
N THR A 96 2.82 -8.05 29.20
CA THR A 96 2.39 -6.82 29.87
C THR A 96 2.30 -5.65 28.90
N ASN A 97 1.82 -4.52 29.37
CA ASN A 97 1.76 -3.31 28.56
C ASN A 97 3.14 -2.98 28.00
N GLU A 98 4.14 -3.14 28.86
CA GLU A 98 5.52 -2.80 28.50
C GLU A 98 6.17 -3.80 27.55
N ILE A 99 5.89 -5.09 27.75
CA ILE A 99 6.36 -6.09 26.80
C ILE A 99 5.79 -5.82 25.40
N VAL A 100 4.49 -5.53 25.32
CA VAL A 100 3.89 -5.27 24.01
C VAL A 100 4.49 -4.00 23.42
N ALA A 101 4.64 -2.98 24.24
CA ALA A 101 5.23 -1.72 23.79
C ALA A 101 6.61 -1.95 23.21
N ASP A 102 7.42 -2.75 23.91
CA ASP A 102 8.78 -3.03 23.48
C ASP A 102 8.81 -3.78 22.14
N LYS A 103 7.86 -4.71 21.99
CA LYS A 103 7.71 -5.44 20.75
C LYS A 103 7.31 -4.49 19.64
N VAL A 104 6.35 -3.60 19.92
CA VAL A 104 5.93 -2.64 18.91
C VAL A 104 7.11 -1.77 18.46
N ALA A 105 7.90 -1.30 19.43
CA ALA A 105 9.01 -0.43 19.13
C ALA A 105 10.07 -1.18 18.32
N ALA A 106 10.36 -2.41 18.72
CA ALA A 106 11.36 -3.20 17.97
C ALA A 106 10.94 -3.39 16.52
N ALA A 107 9.66 -3.73 16.32
CA ALA A 107 9.13 -3.95 14.98
C ALA A 107 9.20 -2.68 14.14
N VAL A 108 8.78 -1.55 14.71
CA VAL A 108 8.85 -0.29 13.99
C VAL A 108 10.28 -0.02 13.55
N ALA A 109 11.22 -0.24 14.46
CA ALA A 109 12.62 0.01 14.17
C ALA A 109 13.16 -0.98 13.12
N SER A 110 12.54 -2.14 13.01
CA SER A 110 12.95 -3.12 12.01
C SER A 110 12.20 -2.95 10.67
N GLY A 111 11.44 -1.87 10.55
CA GLY A 111 10.81 -1.51 9.29
C GLY A 111 9.43 -2.09 9.07
N PHE A 112 8.75 -2.49 10.14
CA PHE A 112 7.42 -3.07 10.02
C PHE A 112 6.31 -2.01 10.10
N MET A 113 5.21 -2.29 9.41
CA MET A 113 3.92 -1.71 9.72
C MET A 113 3.37 -2.55 10.85
N VAL A 114 2.93 -1.91 11.93
CA VAL A 114 2.51 -2.66 13.11
C VAL A 114 1.02 -2.45 13.41
N ILE A 115 0.28 -3.56 13.51
CA ILE A 115 -1.05 -3.51 14.09
C ILE A 115 -0.93 -3.85 15.57
N ALA A 116 -1.09 -2.84 16.43
CA ALA A 116 -0.93 -3.01 17.86
C ALA A 116 -2.31 -3.05 18.51
N CYS A 117 -2.56 -4.09 19.30
CA CYS A 117 -3.90 -4.34 19.82
C CYS A 117 -3.98 -3.94 21.26
N ILE A 118 -5.13 -3.38 21.65
CA ILE A 118 -5.40 -2.96 23.02
C ILE A 118 -6.86 -3.33 23.29
N GLY A 119 -7.25 -3.36 24.56
CA GLY A 119 -8.62 -3.71 24.86
C GLY A 119 -8.75 -4.21 26.28
N GLU A 120 -9.93 -4.01 26.85
CA GLU A 120 -10.17 -4.34 28.26
C GLU A 120 -11.04 -5.60 28.42
N THR A 121 -10.89 -6.28 29.56
CA THR A 121 -11.67 -7.47 29.87
C THR A 121 -13.06 -7.14 30.41
N LEU A 122 -13.88 -8.17 30.58
CA LEU A 122 -15.21 -7.99 31.17
C LEU A 122 -15.10 -7.37 32.56
N GLN A 123 -14.24 -7.95 33.38
CA GLN A 123 -14.02 -7.48 34.74
C GLN A 123 -13.63 -6.01 34.73
N GLU A 124 -12.74 -5.64 33.81
CA GLU A 124 -12.29 -4.26 33.71
C GLU A 124 -13.39 -3.33 33.25
N ARG A 125 -14.15 -3.77 32.24
CA ARG A 125 -15.24 -2.95 31.75
C ARG A 125 -16.33 -2.75 32.81
N GLU A 126 -16.61 -3.80 33.57
CA GLU A 126 -17.67 -3.74 34.59
C GLU A 126 -17.25 -2.95 35.83
N SER A 127 -15.95 -2.83 36.06
CA SER A 127 -15.47 -1.97 37.14
C SER A 127 -15.41 -0.51 36.69
N GLY A 128 -15.91 -0.23 35.49
CA GLY A 128 -15.91 1.12 34.93
C GLY A 128 -14.53 1.61 34.48
N ARG A 129 -13.62 0.69 34.21
CA ARG A 129 -12.23 1.04 33.97
C ARG A 129 -11.75 0.85 32.53
N THR A 130 -12.69 0.83 31.60
CA THR A 130 -12.39 0.77 30.17
C THR A 130 -11.34 1.80 29.78
N ALA A 131 -11.63 3.06 30.07
CA ALA A 131 -10.77 4.15 29.66
C ALA A 131 -9.37 4.05 30.27
N VAL A 132 -9.30 3.92 31.59
CA VAL A 132 -7.98 3.86 32.23
C VAL A 132 -7.17 2.65 31.76
N VAL A 133 -7.83 1.51 31.58
CA VAL A 133 -7.12 0.33 31.09
C VAL A 133 -6.64 0.51 29.65
N VAL A 134 -7.55 0.86 28.76
CA VAL A 134 -7.23 0.98 27.34
C VAL A 134 -6.23 2.09 27.05
N LEU A 135 -6.40 3.24 27.69
CA LEU A 135 -5.48 4.36 27.48
C LEU A 135 -4.12 4.12 28.13
N THR A 136 -4.09 3.34 29.21
CA THR A 136 -2.83 2.98 29.82
C THR A 136 -2.06 2.03 28.90
N GLN A 137 -2.80 1.17 28.21
CA GLN A 137 -2.15 0.26 27.27
C GLN A 137 -1.54 1.03 26.11
N ILE A 138 -2.27 1.97 25.53
CA ILE A 138 -1.73 2.72 24.41
C ILE A 138 -0.63 3.69 24.87
N ALA A 139 -0.79 4.25 26.07
CA ALA A 139 0.24 5.13 26.62
C ALA A 139 1.60 4.44 26.72
N ALA A 140 1.60 3.17 27.09
CA ALA A 140 2.84 2.42 27.20
C ALA A 140 3.46 2.25 25.82
N ILE A 141 2.61 2.05 24.82
CA ILE A 141 3.10 1.91 23.45
C ILE A 141 3.70 3.22 22.98
N ALA A 142 2.99 4.30 23.26
CA ALA A 142 3.43 5.64 22.84
C ALA A 142 4.76 6.02 23.47
N LYS A 143 4.97 5.59 24.71
CA LYS A 143 6.19 5.92 25.45
C LYS A 143 7.46 5.45 24.73
N LYS A 144 7.36 4.33 24.01
CA LYS A 144 8.52 3.75 23.32
C LYS A 144 8.61 4.19 21.85
N LEU A 145 7.71 5.06 21.44
CA LEU A 145 7.71 5.55 20.06
C LEU A 145 8.03 7.03 19.96
N LYS A 146 8.52 7.44 18.80
CA LYS A 146 8.62 8.86 18.51
C LYS A 146 7.48 9.23 17.57
N LYS A 147 7.15 10.52 17.47
CA LYS A 147 5.96 10.94 16.76
C LYS A 147 5.91 10.43 15.32
N ALA A 148 7.05 10.49 14.62
CA ALA A 148 7.14 10.03 13.25
C ALA A 148 6.77 8.56 13.08
N ASP A 149 6.92 7.79 14.15
CA ASP A 149 6.72 6.34 14.10
C ASP A 149 5.26 5.99 13.88
N TRP A 150 4.38 6.92 14.23
CA TRP A 150 2.95 6.63 14.16
C TRP A 150 2.50 6.41 12.71
N ALA A 151 3.31 6.86 11.76
CA ALA A 151 3.04 6.56 10.36
C ALA A 151 3.12 5.05 10.08
N LYS A 152 3.72 4.30 11.01
CA LYS A 152 3.90 2.88 10.81
C LYS A 152 3.03 2.10 11.78
N VAL A 153 2.15 2.81 12.50
CA VAL A 153 1.33 2.15 13.52
C VAL A 153 -0.16 2.16 13.18
N VAL A 154 -0.82 1.07 13.52
CA VAL A 154 -2.27 0.93 13.37
C VAL A 154 -2.76 0.39 14.70
N ILE A 155 -3.84 0.96 15.23
CA ILE A 155 -4.35 0.46 16.50
C ILE A 155 -5.54 -0.44 16.26
N ALA A 156 -5.61 -1.58 16.95
CA ALA A 156 -6.84 -2.38 16.92
C ALA A 156 -7.43 -2.45 18.32
N TYR A 157 -8.68 -2.00 18.46
CA TYR A 157 -9.40 -2.12 19.72
C TYR A 157 -10.15 -3.43 19.78
N GLU A 158 -9.81 -4.28 20.75
CA GLU A 158 -10.51 -5.54 21.00
C GLU A 158 -11.39 -5.44 22.24
N PRO A 159 -12.70 -5.56 22.06
CA PRO A 159 -13.61 -5.60 23.22
C PRO A 159 -13.52 -6.98 23.84
N VAL A 160 -12.45 -7.22 24.59
CA VAL A 160 -12.21 -8.54 25.18
C VAL A 160 -13.41 -8.97 26.03
N TRP A 161 -14.04 -7.98 26.65
CA TRP A 161 -15.24 -8.14 27.45
C TRP A 161 -16.43 -8.72 26.69
N ALA A 162 -16.37 -8.67 25.37
CA ALA A 162 -17.44 -9.16 24.51
C ALA A 162 -16.89 -10.23 23.60
N ILE A 163 -15.86 -10.92 24.08
CA ILE A 163 -15.27 -12.04 23.37
C ILE A 163 -15.26 -13.25 24.29
N GLY A 164 -16.18 -14.19 24.04
CA GLY A 164 -16.27 -15.40 24.82
C GLY A 164 -17.02 -15.26 26.13
N THR A 165 -17.64 -14.11 26.36
CA THR A 165 -18.30 -13.84 27.63
C THR A 165 -19.81 -13.90 27.51
N GLY A 166 -20.31 -14.05 26.28
CA GLY A 166 -21.73 -13.99 26.04
C GLY A 166 -22.26 -12.57 26.01
N LYS A 167 -21.38 -11.60 26.27
CA LYS A 167 -21.74 -10.19 26.16
C LYS A 167 -21.67 -9.77 24.69
N VAL A 168 -22.46 -8.76 24.32
CA VAL A 168 -22.57 -8.34 22.93
C VAL A 168 -22.31 -6.85 22.79
N ALA A 169 -21.35 -6.49 21.93
CA ALA A 169 -21.03 -5.07 21.73
C ALA A 169 -21.92 -4.46 20.65
N THR A 170 -22.36 -3.21 20.87
CA THR A 170 -23.12 -2.50 19.86
C THR A 170 -22.19 -1.55 19.11
N PRO A 171 -22.58 -1.12 17.91
CA PRO A 171 -21.77 -0.16 17.16
C PRO A 171 -21.50 1.12 17.93
N GLN A 172 -22.43 1.53 18.80
CA GLN A 172 -22.24 2.72 19.60
C GLN A 172 -21.15 2.49 20.66
N GLN A 173 -21.13 1.29 21.22
CA GLN A 173 -20.13 0.93 22.20
C GLN A 173 -18.75 0.87 21.54
N ALA A 174 -18.72 0.33 20.33
CA ALA A 174 -17.48 0.32 19.56
C ALA A 174 -17.01 1.74 19.27
N GLN A 175 -17.90 2.57 18.72
CA GLN A 175 -17.59 3.96 18.44
C GLN A 175 -17.08 4.69 19.69
N GLU A 176 -17.73 4.47 20.82
CA GLU A 176 -17.32 5.11 22.07
C GLU A 176 -15.86 4.78 22.39
N ALA A 177 -15.48 3.53 22.20
CA ALA A 177 -14.13 3.11 22.53
C ALA A 177 -13.13 3.69 21.54
N HIS A 178 -13.47 3.64 20.25
CA HIS A 178 -12.58 4.18 19.22
C HIS A 178 -12.40 5.68 19.42
N ALA A 179 -13.48 6.35 19.82
CA ALA A 179 -13.44 7.79 20.01
C ALA A 179 -12.54 8.18 21.17
N LEU A 180 -12.62 7.46 22.29
CA LEU A 180 -11.78 7.84 23.41
C LEU A 180 -10.31 7.56 23.11
N ILE A 181 -10.05 6.56 22.28
CA ILE A 181 -8.68 6.32 21.82
C ILE A 181 -8.23 7.45 20.93
N ARG A 182 -9.05 7.83 19.97
CA ARG A 182 -8.63 8.90 19.06
C ARG A 182 -8.43 10.22 19.82
N SER A 183 -9.31 10.47 20.77
CA SER A 183 -9.17 11.68 21.59
C SER A 183 -7.87 11.69 22.38
N TRP A 184 -7.46 10.54 22.90
CA TRP A 184 -6.20 10.46 23.63
C TRP A 184 -5.06 10.73 22.65
N VAL A 185 -5.14 10.14 21.46
CA VAL A 185 -4.07 10.32 20.48
C VAL A 185 -3.97 11.80 20.08
N SER A 186 -5.13 12.41 19.87
CA SER A 186 -5.13 13.81 19.48
C SER A 186 -4.44 14.69 20.52
N SER A 187 -4.74 14.46 21.79
CA SER A 187 -4.25 15.31 22.87
C SER A 187 -2.80 15.03 23.23
N LYS A 188 -2.42 13.76 23.22
CA LYS A 188 -1.10 13.35 23.72
C LYS A 188 -0.06 13.28 22.61
N ILE A 189 -0.49 12.97 21.39
CA ILE A 189 0.48 12.78 20.31
C ILE A 189 0.40 13.91 19.29
N GLY A 190 -0.83 14.24 18.89
CA GLY A 190 -1.08 15.30 17.93
C GLY A 190 -2.35 15.06 17.14
N ALA A 191 -3.07 16.14 16.84
CA ALA A 191 -4.29 16.03 16.04
C ALA A 191 -3.97 15.58 14.62
N ASP A 192 -2.76 15.88 14.16
CA ASP A 192 -2.36 15.43 12.83
C ASP A 192 -2.21 13.91 12.81
N VAL A 193 -1.54 13.39 13.83
CA VAL A 193 -1.40 11.94 13.99
C VAL A 193 -2.76 11.27 14.16
N ALA A 194 -3.61 11.84 15.01
CA ALA A 194 -4.95 11.31 15.24
C ALA A 194 -5.75 11.19 13.95
N GLY A 195 -5.68 12.20 13.10
CA GLY A 195 -6.46 12.23 11.89
C GLY A 195 -6.09 11.16 10.88
N GLU A 196 -4.81 10.76 10.89
CA GLU A 196 -4.32 9.79 9.92
C GLU A 196 -4.32 8.37 10.47
N LEU A 197 -4.48 8.23 11.78
CA LEU A 197 -4.34 6.93 12.43
C LEU A 197 -5.51 6.00 12.10
N ARG A 198 -5.21 4.79 11.66
CA ARG A 198 -6.26 3.80 11.51
C ARG A 198 -6.54 3.12 12.84
N ILE A 199 -7.80 3.14 13.28
CA ILE A 199 -8.23 2.39 14.45
C ILE A 199 -9.22 1.32 14.02
N LEU A 200 -8.81 0.06 14.13
CA LEU A 200 -9.63 -1.03 13.65
C LEU A 200 -10.44 -1.66 14.76
N TYR A 201 -11.64 -2.09 14.44
CA TYR A 201 -12.45 -2.80 15.40
C TYR A 201 -12.07 -4.29 15.38
N GLY A 202 -11.75 -4.83 16.55
CA GLY A 202 -11.33 -6.22 16.68
C GLY A 202 -12.28 -7.14 17.45
N GLY A 203 -13.56 -6.79 17.51
CA GLY A 203 -14.54 -7.66 18.14
C GLY A 203 -15.34 -8.45 17.13
N SER A 204 -16.46 -9.02 17.56
CA SER A 204 -17.33 -9.82 16.68
C SER A 204 -17.76 -9.03 15.47
N VAL A 205 -17.48 -9.57 14.29
CA VAL A 205 -17.90 -8.90 13.07
C VAL A 205 -18.31 -9.91 11.99
N ASN A 206 -19.34 -9.56 11.24
CA ASN A 206 -19.77 -10.35 10.10
C ASN A 206 -20.41 -9.45 9.05
N GLY A 207 -20.93 -10.06 7.98
CA GLY A 207 -21.55 -9.32 6.90
C GLY A 207 -22.78 -8.53 7.31
N LYS A 208 -23.40 -8.93 8.41
CA LYS A 208 -24.61 -8.27 8.86
C LYS A 208 -24.31 -6.95 9.57
N ASN A 209 -23.19 -6.90 10.30
CA ASN A 209 -22.91 -5.73 11.12
C ASN A 209 -21.62 -4.97 10.77
N ALA A 210 -20.79 -5.58 9.95
CA ALA A 210 -19.53 -4.94 9.52
C ALA A 210 -19.81 -3.58 8.90
N ARG A 211 -20.73 -3.53 7.94
CA ARG A 211 -21.04 -2.27 7.29
C ARG A 211 -21.53 -1.23 8.28
N THR A 212 -22.35 -1.67 9.23
CA THR A 212 -22.88 -0.76 10.25
C THR A 212 -21.75 -0.22 11.13
N LEU A 213 -20.87 -1.12 11.56
CA LEU A 213 -19.71 -0.71 12.36
C LEU A 213 -18.83 0.27 11.61
N TYR A 214 -18.58 -0.01 10.34
CA TYR A 214 -17.67 0.84 9.58
C TYR A 214 -18.23 2.26 9.41
N GLN A 215 -19.55 2.38 9.47
CA GLN A 215 -20.15 3.70 9.29
C GLN A 215 -19.80 4.61 10.45
N GLN A 216 -19.42 4.02 11.59
CA GLN A 216 -19.08 4.85 12.75
C GLN A 216 -17.92 5.78 12.45
N ARG A 217 -17.96 6.99 13.03
CA ARG A 217 -16.98 8.02 12.75
C ARG A 217 -15.52 7.60 12.94
N ASP A 218 -15.24 6.82 13.98
CA ASP A 218 -13.84 6.56 14.34
C ASP A 218 -13.37 5.14 14.07
N VAL A 219 -14.12 4.42 13.23
CA VAL A 219 -13.79 3.05 12.88
C VAL A 219 -13.16 3.06 11.49
N ASN A 220 -11.95 2.49 11.37
CA ASN A 220 -11.23 2.53 10.09
C ASN A 220 -11.01 1.14 9.48
N GLY A 221 -11.79 0.18 9.92
CA GLY A 221 -11.64 -1.18 9.42
C GLY A 221 -11.70 -2.18 10.55
N PHE A 222 -11.17 -3.37 10.29
CA PHE A 222 -11.43 -4.52 11.14
C PHE A 222 -10.20 -5.39 11.30
N LEU A 223 -10.07 -5.98 12.50
CA LEU A 223 -9.15 -7.10 12.72
C LEU A 223 -10.03 -8.29 13.07
N ALA A 224 -10.21 -9.18 12.10
CA ALA A 224 -11.22 -10.22 12.20
C ALA A 224 -10.62 -11.60 12.03
N GLY A 225 -11.46 -12.62 12.14
CA GLY A 225 -11.00 -13.99 11.97
C GLY A 225 -10.68 -14.28 10.52
N LEU A 226 -9.78 -15.23 10.31
CA LEU A 226 -9.50 -15.73 8.97
C LEU A 226 -10.62 -16.69 8.57
N LYS A 227 -11.65 -16.16 7.91
CA LYS A 227 -12.84 -16.92 7.54
C LYS A 227 -13.42 -16.44 6.21
N PRO A 228 -14.28 -17.27 5.58
CA PRO A 228 -14.91 -16.92 4.31
C PRO A 228 -15.63 -15.58 4.31
N GLU A 229 -16.34 -15.26 5.40
CA GLU A 229 -17.06 -14.00 5.50
C GLU A 229 -16.12 -12.80 5.57
N PHE A 230 -14.82 -13.05 5.63
CA PHE A 230 -13.86 -11.95 5.61
C PHE A 230 -14.03 -11.13 4.33
N VAL A 231 -14.45 -11.79 3.26
CA VAL A 231 -14.71 -11.11 2.00
C VAL A 231 -15.78 -10.03 2.20
N ASP A 232 -16.80 -10.35 2.97
CA ASP A 232 -17.86 -9.40 3.27
C ASP A 232 -17.36 -8.27 4.17
N ILE A 233 -16.44 -8.60 5.06
CA ILE A 233 -15.80 -7.62 5.91
C ILE A 233 -14.97 -6.61 5.11
N ILE A 234 -14.16 -7.11 4.18
CA ILE A 234 -13.50 -6.23 3.20
C ILE A 234 -14.47 -5.28 2.50
N LYS A 235 -15.52 -5.84 1.91
CA LYS A 235 -16.50 -5.03 1.18
C LYS A 235 -17.21 -4.03 2.07
N ALA A 236 -17.26 -4.32 3.37
CA ALA A 236 -17.90 -3.45 4.35
C ALA A 236 -17.10 -2.17 4.58
N THR A 237 -15.88 -2.12 4.08
CA THR A 237 -15.03 -0.96 4.34
C THR A 237 -15.22 0.19 3.34
N GLN A 238 -16.48 0.43 2.99
CA GLN A 238 -16.87 1.69 2.36
C GLN A 238 -18.17 2.14 3.02
N SER B 1 15.19 -9.36 -0.93
CA SER B 1 13.73 -9.40 -1.08
C SER B 1 13.21 -8.11 -1.72
N LYS B 2 12.91 -8.17 -3.02
CA LYS B 2 12.37 -7.02 -3.73
C LYS B 2 10.96 -6.72 -3.24
N PRO B 3 10.57 -5.44 -3.26
CA PRO B 3 9.19 -5.12 -2.89
C PRO B 3 8.23 -5.62 -3.96
N GLN B 4 6.94 -5.55 -3.67
CA GLN B 4 5.92 -5.99 -4.59
C GLN B 4 6.07 -5.29 -5.93
N PRO B 5 6.15 -6.06 -7.02
CA PRO B 5 6.28 -5.44 -8.35
C PRO B 5 4.99 -4.80 -8.82
N ILE B 6 5.15 -3.90 -9.79
CA ILE B 6 4.04 -3.25 -10.44
C ILE B 6 4.20 -3.37 -11.94
N ALA B 7 3.12 -3.78 -12.61
CA ALA B 7 3.09 -3.75 -14.06
C ALA B 7 2.00 -2.75 -14.46
N ALA B 8 2.39 -1.63 -15.04
CA ALA B 8 1.45 -0.57 -15.37
C ALA B 8 1.44 -0.32 -16.85
N ALA B 9 0.25 -0.23 -17.42
CA ALA B 9 0.08 0.03 -18.83
C ALA B 9 -0.44 1.43 -18.99
N ASN B 10 0.27 2.23 -19.78
CA ASN B 10 -0.10 3.63 -19.92
C ASN B 10 -0.76 3.84 -21.27
N TRP B 11 -2.04 4.20 -21.25
CA TRP B 11 -2.76 4.47 -22.49
C TRP B 11 -2.20 5.72 -23.14
N LYS B 12 -2.17 5.70 -24.47
CA LYS B 12 -1.79 6.87 -25.24
C LYS B 12 -2.52 6.85 -26.58
N SER B 13 -2.76 8.04 -27.10
CA SER B 13 -3.42 8.19 -28.38
C SER B 13 -2.58 7.55 -29.48
N GLY B 14 -3.24 6.96 -30.47
CA GLY B 14 -2.54 6.44 -31.63
C GLY B 14 -2.46 4.93 -31.67
N SER B 15 -3.19 4.27 -30.77
CA SER B 15 -3.20 2.81 -30.72
C SER B 15 -3.96 2.22 -31.89
N PRO B 16 -3.42 1.13 -32.47
CA PRO B 16 -4.10 0.38 -33.54
C PRO B 16 -5.15 -0.53 -32.94
N ASP B 17 -5.09 -0.68 -31.61
CA ASP B 17 -5.96 -1.61 -30.89
C ASP B 17 -7.19 -0.90 -30.31
N SER B 18 -8.22 -1.70 -30.02
CA SER B 18 -9.40 -1.22 -29.31
C SER B 18 -9.14 -1.35 -27.80
N LEU B 19 -9.35 -0.27 -27.06
CA LEU B 19 -9.13 -0.30 -25.61
C LEU B 19 -10.02 -1.32 -24.92
N SER B 20 -11.29 -1.36 -25.31
CA SER B 20 -12.21 -2.32 -24.71
C SER B 20 -11.76 -3.75 -24.99
N GLU B 21 -11.25 -4.01 -26.19
CA GLU B 21 -10.73 -5.33 -26.51
C GLU B 21 -9.51 -5.70 -25.67
N LEU B 22 -8.66 -4.70 -25.41
CA LEU B 22 -7.48 -4.94 -24.58
C LEU B 22 -7.89 -5.26 -23.15
N ILE B 23 -8.86 -4.51 -22.62
CA ILE B 23 -9.40 -4.79 -21.31
C ILE B 23 -9.99 -6.21 -21.25
N ASP B 24 -10.74 -6.62 -22.26
CA ASP B 24 -11.20 -8.01 -22.33
C ASP B 24 -10.04 -8.99 -22.24
N LEU B 25 -8.98 -8.70 -22.99
CA LEU B 25 -7.81 -9.57 -22.98
C LEU B 25 -7.25 -9.69 -21.57
N PHE B 26 -7.06 -8.55 -20.92
CA PHE B 26 -6.52 -8.52 -19.57
C PHE B 26 -7.45 -9.26 -18.60
N ASN B 27 -8.76 -9.04 -18.72
CA ASN B 27 -9.72 -9.74 -17.86
C ASN B 27 -9.60 -11.25 -17.97
N SER B 28 -9.34 -11.73 -19.18
CA SER B 28 -9.27 -13.17 -19.42
C SER B 28 -7.92 -13.76 -19.03
N THR B 29 -6.97 -12.93 -18.62
CA THR B 29 -5.61 -13.39 -18.38
C THR B 29 -5.41 -13.98 -16.98
N SER B 30 -4.81 -15.16 -16.92
CA SER B 30 -4.47 -15.78 -15.64
C SER B 30 -3.16 -15.22 -15.08
N ILE B 31 -3.24 -14.60 -13.92
CA ILE B 31 -2.06 -14.08 -13.25
C ILE B 31 -2.07 -14.60 -11.82
N ASN B 32 -1.04 -15.35 -11.46
CA ASN B 32 -1.07 -16.09 -10.21
C ASN B 32 0.03 -15.72 -9.19
N HIS B 33 0.80 -14.68 -9.48
CA HIS B 33 1.76 -14.16 -8.51
C HIS B 33 1.40 -12.74 -8.09
N ASP B 34 1.98 -12.29 -6.99
CA ASP B 34 1.69 -10.98 -6.41
C ASP B 34 2.34 -9.88 -7.25
N VAL B 35 1.53 -9.26 -8.09
CA VAL B 35 1.95 -8.07 -8.84
C VAL B 35 0.76 -7.13 -8.93
N GLN B 36 0.99 -5.85 -8.66
CA GLN B 36 -0.08 -4.88 -8.85
C GLN B 36 -0.08 -4.45 -10.30
N CYS B 37 -1.14 -4.83 -11.01
CA CYS B 37 -1.34 -4.43 -12.38
C CYS B 37 -2.17 -3.15 -12.40
N VAL B 38 -1.80 -2.25 -13.31
CA VAL B 38 -2.43 -0.93 -13.39
C VAL B 38 -2.74 -0.62 -14.84
N VAL B 39 -3.96 -0.16 -15.10
CA VAL B 39 -4.29 0.40 -16.41
C VAL B 39 -4.52 1.87 -16.24
N ALA B 40 -3.58 2.69 -16.74
CA ALA B 40 -3.68 4.14 -16.64
C ALA B 40 -4.40 4.65 -17.87
N SER B 41 -5.53 5.30 -17.64
CA SER B 41 -6.41 5.69 -18.73
CA SER B 41 -6.42 5.68 -18.73
C SER B 41 -6.57 7.19 -18.84
N THR B 42 -6.76 7.65 -20.06
CA THR B 42 -7.00 9.05 -20.30
C THR B 42 -8.43 9.30 -19.81
N PHE B 43 -8.76 10.56 -19.50
CA PHE B 43 -9.99 10.88 -18.79
C PHE B 43 -11.24 10.35 -19.50
N VAL B 44 -11.28 10.47 -20.81
CA VAL B 44 -12.48 10.13 -21.58
C VAL B 44 -12.83 8.63 -21.49
N HIS B 45 -11.83 7.80 -21.20
CA HIS B 45 -12.04 6.36 -21.13
C HIS B 45 -12.16 5.81 -19.71
N LEU B 46 -12.17 6.69 -18.72
CA LEU B 46 -12.24 6.24 -17.34
C LEU B 46 -13.54 5.50 -17.06
N ALA B 47 -14.66 6.08 -17.49
CA ALA B 47 -15.96 5.47 -17.23
C ALA B 47 -16.01 4.06 -17.79
N MET B 48 -15.70 3.92 -19.07
CA MET B 48 -15.70 2.60 -19.70
C MET B 48 -14.71 1.64 -19.03
N THR B 49 -13.56 2.15 -18.63
CA THR B 49 -12.54 1.32 -18.01
C THR B 49 -13.00 0.80 -16.64
N LYS B 50 -13.55 1.69 -15.82
CA LYS B 50 -14.11 1.30 -14.53
C LYS B 50 -15.19 0.24 -14.67
N GLU B 51 -16.04 0.39 -15.68
CA GLU B 51 -17.13 -0.56 -15.85
C GLU B 51 -16.62 -1.92 -16.34
N ARG B 52 -15.66 -1.92 -17.27
CA ARG B 52 -15.24 -3.14 -17.95
C ARG B 52 -14.12 -3.93 -17.28
N LEU B 53 -13.16 -3.23 -16.66
CA LEU B 53 -12.03 -3.92 -16.05
C LEU B 53 -12.48 -4.62 -14.78
N SER B 54 -12.21 -5.91 -14.65
CA SER B 54 -12.71 -6.64 -13.48
C SER B 54 -11.65 -7.53 -12.82
N HIS B 55 -10.51 -7.67 -13.47
CA HIS B 55 -9.48 -8.56 -12.96
C HIS B 55 -9.03 -8.21 -11.53
N PRO B 56 -9.07 -9.18 -10.61
CA PRO B 56 -8.74 -8.86 -9.21
C PRO B 56 -7.34 -8.27 -9.01
N LYS B 57 -6.44 -8.49 -9.95
CA LYS B 57 -5.07 -7.99 -9.81
C LYS B 57 -4.84 -6.62 -10.45
N PHE B 58 -5.90 -6.02 -11.00
CA PHE B 58 -5.82 -4.75 -11.68
C PHE B 58 -6.43 -3.60 -10.89
N VAL B 59 -5.85 -2.42 -11.01
CA VAL B 59 -6.51 -1.20 -10.59
C VAL B 59 -6.46 -0.26 -11.76
N ILE B 60 -7.34 0.74 -11.73
CA ILE B 60 -7.35 1.77 -12.74
C ILE B 60 -6.57 2.97 -12.25
N ALA B 61 -5.84 3.61 -13.16
CA ALA B 61 -5.14 4.86 -12.86
C ALA B 61 -5.64 5.97 -13.78
N ALA B 62 -5.58 7.20 -13.28
CA ALA B 62 -5.78 8.37 -14.12
C ALA B 62 -4.42 8.84 -14.61
N GLN B 63 -4.41 9.89 -15.42
CA GLN B 63 -3.19 10.50 -15.91
C GLN B 63 -3.27 12.01 -15.74
N ASN B 64 -2.20 12.63 -15.27
CA ASN B 64 -1.96 14.06 -15.46
C ASN B 64 -2.88 15.04 -14.74
N ALA B 65 -3.91 14.55 -14.05
CA ALA B 65 -4.75 15.45 -13.28
C ALA B 65 -3.89 16.24 -12.28
N GLY B 66 -4.11 17.55 -12.20
CA GLY B 66 -3.28 18.41 -11.36
C GLY B 66 -4.06 19.35 -10.47
N ASN B 67 -5.38 19.31 -10.60
CA ASN B 67 -6.27 20.23 -9.88
C ASN B 67 -6.88 19.52 -8.68
N ALA B 68 -6.90 20.17 -7.52
CA ALA B 68 -7.35 19.51 -6.29
C ALA B 68 -8.78 18.99 -6.36
N ASP B 69 -9.67 19.75 -6.97
CA ASP B 69 -11.06 19.34 -7.13
C ASP B 69 -11.18 18.14 -8.04
N ALA B 70 -10.41 18.14 -9.12
CA ALA B 70 -10.42 17.03 -10.06
C ALA B 70 -9.88 15.76 -9.41
N LEU B 71 -8.86 15.91 -8.57
CA LEU B 71 -8.29 14.76 -7.85
C LEU B 71 -9.33 14.18 -6.88
N ALA B 72 -10.03 15.05 -6.17
CA ALA B 72 -11.06 14.61 -5.24
C ALA B 72 -12.18 13.89 -5.98
N SER B 73 -12.59 14.43 -7.13
CA SER B 73 -13.65 13.84 -7.93
C SER B 73 -13.23 12.46 -8.48
N LEU B 74 -11.96 12.33 -8.85
CA LEU B 74 -11.44 11.03 -9.27
C LEU B 74 -11.49 10.02 -8.11
N LYS B 75 -11.09 10.46 -6.92
CA LYS B 75 -11.12 9.61 -5.74
C LYS B 75 -12.54 9.12 -5.46
N ASP B 76 -13.47 10.07 -5.46
CA ASP B 76 -14.90 9.75 -5.29
C ASP B 76 -15.35 8.74 -6.33
N PHE B 77 -14.80 8.84 -7.53
CA PHE B 77 -15.16 7.97 -8.65
C PHE B 77 -14.58 6.55 -8.48
N GLY B 78 -13.65 6.40 -7.55
CA GLY B 78 -13.05 5.11 -7.30
C GLY B 78 -11.67 4.91 -7.93
N VAL B 79 -11.10 6.01 -8.43
CA VAL B 79 -9.76 5.97 -9.02
C VAL B 79 -8.76 6.38 -7.95
N ASN B 80 -7.83 5.49 -7.62
CA ASN B 80 -6.92 5.65 -6.48
C ASN B 80 -5.46 5.73 -6.86
N TRP B 81 -5.18 5.59 -8.16
CA TRP B 81 -3.83 5.64 -8.69
C TRP B 81 -3.74 6.68 -9.80
N ILE B 82 -2.55 7.23 -10.02
CA ILE B 82 -2.38 8.22 -11.07
C ILE B 82 -0.95 8.20 -11.58
N VAL B 83 -0.77 8.48 -12.87
CA VAL B 83 0.55 8.58 -13.47
C VAL B 83 0.80 10.05 -13.78
N LEU B 84 1.99 10.53 -13.42
CA LEU B 84 2.31 11.95 -13.58
C LEU B 84 3.71 12.10 -14.14
N GLY B 85 3.95 13.21 -14.85
CA GLY B 85 5.31 13.52 -15.29
C GLY B 85 5.79 12.69 -16.46
N HIS B 86 4.88 11.95 -17.11
CA HIS B 86 5.26 11.13 -18.25
C HIS B 86 5.92 12.02 -19.30
N SER B 87 6.85 11.45 -20.06
CA SER B 87 7.78 12.23 -20.88
C SER B 87 7.19 13.38 -21.69
N GLU B 88 6.14 13.10 -22.44
CA GLU B 88 5.58 14.13 -23.31
C GLU B 88 4.98 15.30 -22.52
N ARG B 89 4.62 15.07 -21.26
CA ARG B 89 4.13 16.15 -20.41
C ARG B 89 5.23 17.18 -20.29
N ARG B 90 6.46 16.69 -20.22
CA ARG B 90 7.61 17.54 -20.00
C ARG B 90 8.14 18.17 -21.29
N TRP B 91 8.29 17.38 -22.35
CA TRP B 91 8.86 17.93 -23.57
C TRP B 91 7.86 18.65 -24.49
N TYR B 92 6.56 18.36 -24.32
CA TYR B 92 5.54 18.99 -25.17
C TYR B 92 4.64 19.98 -24.41
N TYR B 93 4.03 19.51 -23.33
CA TYR B 93 3.04 20.32 -22.63
C TYR B 93 3.68 21.35 -21.70
N GLY B 94 4.99 21.25 -21.52
CA GLY B 94 5.71 22.22 -20.71
C GLY B 94 5.57 22.06 -19.21
N GLU B 95 5.34 20.84 -18.75
CA GLU B 95 5.34 20.59 -17.31
C GLU B 95 6.79 20.52 -16.85
N THR B 96 7.20 21.54 -16.10
CA THR B 96 8.53 21.62 -15.53
C THR B 96 8.66 20.69 -14.33
N ASN B 97 9.89 20.52 -13.85
CA ASN B 97 10.12 19.68 -12.66
C ASN B 97 9.22 20.08 -11.51
N GLU B 98 8.98 21.39 -11.38
CA GLU B 98 8.19 21.92 -10.28
C GLU B 98 6.71 21.67 -10.48
N ILE B 99 6.25 21.79 -11.73
CA ILE B 99 4.84 21.54 -12.02
C ILE B 99 4.52 20.07 -11.78
N VAL B 100 5.41 19.19 -12.24
CA VAL B 100 5.23 17.77 -11.97
C VAL B 100 5.20 17.50 -10.48
N ALA B 101 6.17 18.07 -9.75
CA ALA B 101 6.30 17.86 -8.32
C ALA B 101 5.04 18.32 -7.60
N ASP B 102 4.51 19.45 -8.03
CA ASP B 102 3.31 19.97 -7.39
C ASP B 102 2.12 19.05 -7.64
N LYS B 103 2.03 18.49 -8.85
CA LYS B 103 0.96 17.54 -9.12
C LYS B 103 1.12 16.32 -8.22
N VAL B 104 2.35 15.84 -8.08
CA VAL B 104 2.59 14.66 -7.27
C VAL B 104 2.14 14.91 -5.84
N ALA B 105 2.48 16.08 -5.31
CA ALA B 105 2.10 16.43 -3.94
C ALA B 105 0.59 16.52 -3.77
N ALA B 106 -0.06 17.16 -4.74
CA ALA B 106 -1.52 17.28 -4.68
C ALA B 106 -2.16 15.90 -4.72
N ALA B 107 -1.63 15.02 -5.57
CA ALA B 107 -2.19 13.68 -5.68
C ALA B 107 -2.01 12.91 -4.38
N VAL B 108 -0.81 12.95 -3.81
CA VAL B 108 -0.59 12.24 -2.55
C VAL B 108 -1.51 12.81 -1.46
N ALA B 109 -1.66 14.13 -1.44
CA ALA B 109 -2.54 14.77 -0.46
C ALA B 109 -3.98 14.29 -0.62
N SER B 110 -4.37 13.95 -1.84
CA SER B 110 -5.74 13.53 -2.12
C SER B 110 -5.94 12.04 -1.91
N GLY B 111 -4.89 11.37 -1.46
CA GLY B 111 -4.98 9.96 -1.13
C GLY B 111 -4.65 9.00 -2.26
N PHE B 112 -3.90 9.46 -3.26
CA PHE B 112 -3.53 8.59 -4.37
C PHE B 112 -2.25 7.81 -4.13
N MET B 113 -2.13 6.66 -4.81
CA MET B 113 -0.84 6.05 -5.13
C MET B 113 -0.38 6.75 -6.40
N VAL B 114 0.88 7.18 -6.46
CA VAL B 114 1.34 7.98 -7.57
C VAL B 114 2.51 7.27 -8.25
N ILE B 115 2.43 7.15 -9.58
CA ILE B 115 3.58 6.75 -10.36
C ILE B 115 4.14 8.00 -11.01
N ALA B 116 5.30 8.44 -10.51
CA ALA B 116 5.90 9.67 -10.99
C ALA B 116 7.02 9.32 -11.94
N CYS B 117 7.01 9.91 -13.12
CA CYS B 117 7.97 9.55 -14.16
C CYS B 117 9.08 10.58 -14.22
N ILE B 118 10.30 10.09 -14.44
CA ILE B 118 11.48 10.94 -14.58
C ILE B 118 12.31 10.28 -15.67
N GLY B 119 13.28 11.00 -16.23
CA GLY B 119 14.11 10.40 -17.25
C GLY B 119 14.70 11.43 -18.19
N GLU B 120 15.81 11.07 -18.81
CA GLU B 120 16.57 12.03 -19.61
C GLU B 120 16.43 11.81 -21.13
N THR B 121 16.64 12.89 -21.88
CA THR B 121 16.55 12.83 -23.35
C THR B 121 17.84 12.28 -23.94
N LEU B 122 17.82 12.00 -25.23
CA LEU B 122 19.03 11.57 -25.94
C LEU B 122 20.12 12.62 -25.81
N GLN B 123 19.78 13.89 -26.05
CA GLN B 123 20.79 14.95 -25.96
C GLN B 123 21.39 15.02 -24.55
N GLU B 124 20.54 14.86 -23.54
CA GLU B 124 21.01 14.84 -22.16
C GLU B 124 21.90 13.63 -21.88
N ARG B 125 21.47 12.45 -22.31
CA ARG B 125 22.28 11.25 -22.10
C ARG B 125 23.64 11.37 -22.81
N GLU B 126 23.63 11.80 -24.06
CA GLU B 126 24.86 11.81 -24.85
C GLU B 126 25.84 12.94 -24.45
N SER B 127 25.33 13.95 -23.77
CA SER B 127 26.19 15.02 -23.26
C SER B 127 26.63 14.75 -21.83
N GLY B 128 26.36 13.54 -21.35
CA GLY B 128 26.82 13.10 -20.05
C GLY B 128 26.03 13.67 -18.89
N ARG B 129 24.79 14.07 -19.15
CA ARG B 129 23.99 14.73 -18.11
C ARG B 129 22.89 13.86 -17.52
N THR B 130 22.98 12.55 -17.72
CA THR B 130 21.95 11.65 -17.20
C THR B 130 21.70 11.83 -15.70
N ALA B 131 22.78 11.81 -14.92
CA ALA B 131 22.63 11.86 -13.47
C ALA B 131 22.07 13.21 -13.02
N VAL B 132 22.65 14.30 -13.49
CA VAL B 132 22.16 15.61 -13.06
C VAL B 132 20.69 15.79 -13.42
N VAL B 133 20.28 15.32 -14.60
CA VAL B 133 18.89 15.49 -15.00
C VAL B 133 17.95 14.64 -14.15
N VAL B 134 18.22 13.35 -14.08
CA VAL B 134 17.36 12.46 -13.32
C VAL B 134 17.29 12.84 -11.85
N LEU B 135 18.44 13.17 -11.26
CA LEU B 135 18.45 13.49 -9.83
C LEU B 135 17.82 14.84 -9.54
N THR B 136 17.87 15.75 -10.51
CA THR B 136 17.22 17.03 -10.35
C THR B 136 15.70 16.84 -10.42
N GLN B 137 15.25 15.96 -11.33
CA GLN B 137 13.82 15.73 -11.44
C GLN B 137 13.23 15.14 -10.16
N ILE B 138 13.89 14.14 -9.60
CA ILE B 138 13.36 13.52 -8.38
C ILE B 138 13.52 14.44 -7.17
N ALA B 139 14.57 15.26 -7.13
CA ALA B 139 14.74 16.20 -6.01
C ALA B 139 13.58 17.18 -5.94
N ALA B 140 13.10 17.61 -7.10
CA ALA B 140 11.98 18.54 -7.17
C ALA B 140 10.74 17.92 -6.58
N ILE B 141 10.52 16.65 -6.90
CA ILE B 141 9.41 15.89 -6.36
C ILE B 141 9.56 15.77 -4.85
N ALA B 142 10.75 15.39 -4.40
CA ALA B 142 11.00 15.17 -2.98
C ALA B 142 10.80 16.46 -2.21
N LYS B 143 11.12 17.59 -2.85
CA LYS B 143 11.01 18.89 -2.20
C LYS B 143 9.57 19.17 -1.74
N LYS B 144 8.60 18.68 -2.48
CA LYS B 144 7.20 18.99 -2.18
C LYS B 144 6.53 17.90 -1.34
N LEU B 145 7.30 16.90 -0.95
CA LEU B 145 6.74 15.82 -0.14
C LEU B 145 7.39 15.80 1.25
N LYS B 146 6.80 15.01 2.15
CA LYS B 146 7.43 14.69 3.43
C LYS B 146 7.67 13.17 3.48
N LYS B 147 8.47 12.71 4.44
CA LYS B 147 8.92 11.31 4.41
C LYS B 147 7.81 10.28 4.31
N ALA B 148 6.75 10.44 5.11
CA ALA B 148 5.71 9.43 5.14
C ALA B 148 4.98 9.33 3.81
N ASP B 149 5.11 10.36 2.97
CA ASP B 149 4.40 10.39 1.69
C ASP B 149 4.93 9.33 0.75
N TRP B 150 6.18 8.93 0.96
CA TRP B 150 6.80 7.98 0.05
C TRP B 150 6.15 6.60 0.04
N ALA B 151 5.34 6.30 1.05
CA ALA B 151 4.58 5.06 1.05
C ALA B 151 3.64 5.02 -0.14
N LYS B 152 3.31 6.20 -0.67
CA LYS B 152 2.34 6.31 -1.76
C LYS B 152 3.00 6.65 -3.08
N VAL B 153 4.31 6.54 -3.15
CA VAL B 153 5.04 6.98 -4.32
C VAL B 153 5.72 5.81 -5.01
N VAL B 154 5.67 5.81 -6.33
CA VAL B 154 6.38 4.85 -7.16
C VAL B 154 7.10 5.69 -8.20
N ILE B 155 8.32 5.31 -8.56
CA ILE B 155 9.07 6.09 -9.55
C ILE B 155 9.14 5.27 -10.82
N ALA B 156 8.91 5.91 -11.97
CA ALA B 156 9.14 5.23 -13.23
C ALA B 156 10.27 5.93 -13.95
N TYR B 157 11.31 5.19 -14.24
CA TYR B 157 12.41 5.76 -15.03
C TYR B 157 12.16 5.52 -16.52
N GLU B 158 11.96 6.59 -17.27
CA GLU B 158 11.81 6.47 -18.72
C GLU B 158 13.07 6.96 -19.42
N PRO B 159 13.79 6.05 -20.08
CA PRO B 159 14.88 6.50 -20.93
C PRO B 159 14.27 7.17 -22.18
N VAL B 160 14.00 8.47 -22.09
CA VAL B 160 13.43 9.18 -23.23
C VAL B 160 14.43 9.05 -24.39
N TRP B 161 15.70 8.91 -24.04
CA TRP B 161 16.80 8.85 -25.01
C TRP B 161 16.65 7.71 -26.01
N ALA B 162 15.63 6.89 -25.85
CA ALA B 162 15.49 5.68 -26.66
C ALA B 162 14.24 5.68 -27.54
N ILE B 163 13.38 6.67 -27.34
CA ILE B 163 12.14 6.72 -28.09
C ILE B 163 12.26 7.61 -29.32
N GLY B 164 12.22 7.01 -30.51
CA GLY B 164 12.27 7.76 -31.76
C GLY B 164 13.68 8.09 -32.22
N THR B 165 14.67 7.57 -31.50
CA THR B 165 16.06 7.91 -31.76
C THR B 165 16.81 6.81 -32.50
N GLY B 166 16.33 5.57 -32.33
CA GLY B 166 16.99 4.41 -32.90
C GLY B 166 17.89 3.73 -31.89
N LYS B 167 17.94 4.29 -30.67
CA LYS B 167 18.75 3.74 -29.60
C LYS B 167 18.02 2.61 -28.87
N VAL B 168 18.79 1.67 -28.33
CA VAL B 168 18.25 0.53 -27.60
C VAL B 168 18.84 0.48 -26.19
N ALA B 169 17.98 0.39 -25.18
CA ALA B 169 18.44 0.33 -23.79
C ALA B 169 18.91 -1.08 -23.45
N THR B 170 20.01 -1.19 -22.71
CA THR B 170 20.47 -2.49 -22.21
C THR B 170 20.10 -2.66 -20.75
N PRO B 171 20.01 -3.92 -20.30
CA PRO B 171 19.80 -4.19 -18.88
C PRO B 171 20.82 -3.51 -17.96
N GLN B 172 22.07 -3.36 -18.39
CA GLN B 172 23.05 -2.64 -17.57
C GLN B 172 22.73 -1.14 -17.47
N GLN B 173 22.33 -0.53 -18.57
CA GLN B 173 21.96 0.89 -18.55
C GLN B 173 20.75 1.11 -17.66
N ALA B 174 19.74 0.27 -17.82
CA ALA B 174 18.54 0.37 -16.99
C ALA B 174 18.88 0.17 -15.52
N GLN B 175 19.63 -0.87 -15.20
CA GLN B 175 20.06 -1.11 -13.82
C GLN B 175 20.86 0.05 -13.22
N GLU B 176 21.78 0.62 -14.01
CA GLU B 176 22.59 1.75 -13.52
C GLU B 176 21.73 2.95 -13.15
N ALA B 177 20.74 3.25 -13.99
CA ALA B 177 19.87 4.40 -13.75
C ALA B 177 19.00 4.16 -12.53
N HIS B 178 18.46 2.95 -12.41
CA HIS B 178 17.65 2.59 -11.25
C HIS B 178 18.50 2.64 -9.97
N ALA B 179 19.71 2.11 -10.04
CA ALA B 179 20.61 2.15 -8.88
C ALA B 179 20.93 3.58 -8.48
N LEU B 180 21.10 4.46 -9.46
CA LEU B 180 21.42 5.86 -9.21
C LEU B 180 20.29 6.50 -8.44
N ILE B 181 19.07 6.26 -8.91
CA ILE B 181 17.86 6.77 -8.26
C ILE B 181 17.74 6.24 -6.84
N ARG B 182 17.89 4.94 -6.66
CA ARG B 182 17.71 4.36 -5.32
C ARG B 182 18.76 4.88 -4.33
N SER B 183 20.00 5.04 -4.79
CA SER B 183 21.07 5.59 -3.96
C SER B 183 20.69 6.97 -3.43
N TRP B 184 20.18 7.81 -4.31
CA TRP B 184 19.77 9.16 -3.96
C TRP B 184 18.64 9.14 -2.94
N VAL B 185 17.62 8.31 -3.18
CA VAL B 185 16.51 8.21 -2.25
C VAL B 185 17.02 7.74 -0.90
N SER B 186 17.90 6.74 -0.89
CA SER B 186 18.47 6.30 0.38
C SER B 186 19.18 7.43 1.14
N SER B 187 20.05 8.16 0.46
CA SER B 187 20.81 9.24 1.09
C SER B 187 19.95 10.43 1.54
N LYS B 188 18.98 10.81 0.72
CA LYS B 188 18.19 12.02 0.97
C LYS B 188 16.90 11.79 1.75
N ILE B 189 16.31 10.59 1.62
CA ILE B 189 15.00 10.37 2.18
C ILE B 189 15.08 9.37 3.32
N GLY B 190 15.80 8.28 3.09
CA GLY B 190 15.95 7.24 4.09
C GLY B 190 16.24 5.90 3.46
N ALA B 191 17.14 5.14 4.09
CA ALA B 191 17.42 3.78 3.66
C ALA B 191 16.16 2.92 3.71
N ASP B 192 15.30 3.18 4.70
CA ASP B 192 14.06 2.42 4.79
C ASP B 192 13.19 2.67 3.56
N VAL B 193 12.98 3.95 3.25
CA VAL B 193 12.18 4.35 2.09
C VAL B 193 12.77 3.78 0.80
N ALA B 194 14.07 3.89 0.65
CA ALA B 194 14.76 3.40 -0.53
C ALA B 194 14.51 1.91 -0.75
N GLY B 195 14.48 1.14 0.33
CA GLY B 195 14.33 -0.30 0.21
C GLY B 195 12.94 -0.71 -0.22
N GLU B 196 11.95 0.07 0.20
CA GLU B 196 10.55 -0.23 -0.05
C GLU B 196 10.08 0.34 -1.40
N LEU B 197 10.81 1.33 -1.90
CA LEU B 197 10.39 2.03 -3.13
C LEU B 197 10.38 1.14 -4.37
N ARG B 198 9.27 1.18 -5.14
CA ARG B 198 9.26 0.58 -6.47
C ARG B 198 9.78 1.57 -7.50
N ILE B 199 10.80 1.13 -8.25
CA ILE B 199 11.29 1.91 -9.38
C ILE B 199 11.02 1.08 -10.60
N LEU B 200 10.13 1.57 -11.46
CA LEU B 200 9.70 0.79 -12.61
C LEU B 200 10.48 1.25 -13.82
N TYR B 201 10.75 0.32 -14.72
CA TYR B 201 11.43 0.67 -15.96
C TYR B 201 10.36 1.03 -16.99
N GLY B 202 10.53 2.18 -17.64
CA GLY B 202 9.51 2.74 -18.50
C GLY B 202 9.93 2.97 -19.94
N GLY B 203 10.94 2.25 -20.38
CA GLY B 203 11.26 2.25 -21.79
C GLY B 203 10.43 1.21 -22.51
N SER B 204 10.43 1.27 -23.84
CA SER B 204 9.76 0.28 -24.66
C SER B 204 10.22 -1.14 -24.30
N VAL B 205 9.29 -1.95 -23.83
CA VAL B 205 9.59 -3.30 -23.38
C VAL B 205 8.74 -4.30 -24.17
N ASN B 206 9.27 -5.49 -24.38
CA ASN B 206 8.47 -6.62 -24.86
C ASN B 206 8.79 -7.86 -24.05
N GLY B 207 8.32 -9.01 -24.52
CA GLY B 207 8.61 -10.28 -23.87
C GLY B 207 10.04 -10.74 -24.01
N LYS B 208 10.67 -10.44 -25.15
CA LYS B 208 12.07 -10.83 -25.37
C LYS B 208 13.05 -10.14 -24.41
N ASN B 209 12.61 -9.06 -23.76
CA ASN B 209 13.55 -8.29 -22.94
C ASN B 209 13.07 -7.94 -21.53
N ALA B 210 11.76 -8.04 -21.30
CA ALA B 210 11.20 -7.72 -19.99
C ALA B 210 11.77 -8.63 -18.90
N ARG B 211 11.81 -9.93 -19.15
CA ARG B 211 12.25 -10.86 -18.11
C ARG B 211 13.65 -10.49 -17.67
N THR B 212 14.54 -10.28 -18.64
CA THR B 212 15.92 -9.95 -18.34
C THR B 212 16.02 -8.63 -17.59
N LEU B 213 15.19 -7.66 -17.96
CA LEU B 213 15.20 -6.40 -17.24
C LEU B 213 14.70 -6.59 -15.83
N TYR B 214 13.62 -7.35 -15.66
CA TYR B 214 13.08 -7.54 -14.33
C TYR B 214 14.09 -8.19 -13.39
N GLN B 215 14.97 -9.01 -13.94
CA GLN B 215 15.91 -9.70 -13.08
C GLN B 215 16.99 -8.77 -12.51
N GLN B 216 17.05 -7.54 -13.00
CA GLN B 216 18.02 -6.60 -12.49
C GLN B 216 17.68 -6.21 -11.05
N ARG B 217 18.71 -6.05 -10.22
CA ARG B 217 18.58 -5.78 -8.80
C ARG B 217 17.57 -4.68 -8.47
N ASP B 218 17.61 -3.60 -9.23
CA ASP B 218 16.86 -2.40 -8.85
C ASP B 218 15.65 -2.08 -9.71
N VAL B 219 15.20 -3.07 -10.46
CA VAL B 219 14.00 -2.96 -11.29
C VAL B 219 12.83 -3.65 -10.58
N ASN B 220 11.74 -2.91 -10.36
CA ASN B 220 10.59 -3.44 -9.64
C ASN B 220 9.34 -3.54 -10.49
N GLY B 221 9.52 -3.45 -11.80
CA GLY B 221 8.40 -3.61 -12.70
C GLY B 221 8.50 -2.68 -13.89
N PHE B 222 7.36 -2.42 -14.51
CA PHE B 222 7.35 -1.71 -15.78
C PHE B 222 6.22 -0.71 -15.89
N LEU B 223 6.49 0.36 -16.61
CA LEU B 223 5.45 1.23 -17.12
C LEU B 223 5.57 1.11 -18.63
N ALA B 224 4.54 0.53 -19.25
CA ALA B 224 4.66 0.10 -20.64
C ALA B 224 3.43 0.54 -21.40
N GLY B 225 3.47 0.41 -22.72
CA GLY B 225 2.34 0.73 -23.55
C GLY B 225 1.18 -0.21 -23.29
N LEU B 226 -0.03 0.33 -23.41
CA LEU B 226 -1.25 -0.45 -23.25
C LEU B 226 -1.51 -1.20 -24.56
N LYS B 227 -1.07 -2.45 -24.62
CA LYS B 227 -1.11 -3.23 -25.85
C LYS B 227 -1.16 -4.72 -25.50
N PRO B 228 -1.42 -5.59 -26.50
CA PRO B 228 -1.56 -7.03 -26.23
C PRO B 228 -0.33 -7.61 -25.51
N GLU B 229 0.85 -7.15 -25.88
CA GLU B 229 2.07 -7.69 -25.29
C GLU B 229 2.22 -7.34 -23.80
N PHE B 230 1.39 -6.43 -23.30
CA PHE B 230 1.44 -6.11 -21.88
C PHE B 230 1.27 -7.42 -21.08
N VAL B 231 0.52 -8.37 -21.62
CA VAL B 231 0.37 -9.68 -20.97
C VAL B 231 1.72 -10.31 -20.64
N ASP B 232 2.64 -10.29 -21.60
CA ASP B 232 3.94 -10.93 -21.40
C ASP B 232 4.80 -10.11 -20.44
N ILE B 233 4.55 -8.80 -20.42
CA ILE B 233 5.27 -7.93 -19.50
C ILE B 233 4.85 -8.24 -18.05
N ILE B 234 3.55 -8.41 -17.82
CA ILE B 234 3.10 -8.87 -16.50
C ILE B 234 3.80 -10.16 -16.13
N LYS B 235 3.84 -11.09 -17.08
CA LYS B 235 4.50 -12.38 -16.88
C LYS B 235 5.95 -12.25 -16.45
N ALA B 236 6.63 -11.24 -16.98
CA ALA B 236 8.06 -11.05 -16.69
C ALA B 236 8.33 -10.62 -15.24
N THR B 237 7.28 -10.32 -14.48
CA THR B 237 7.48 -9.87 -13.10
C THR B 237 7.34 -11.02 -12.11
N GLN B 238 7.43 -12.25 -12.62
CA GLN B 238 7.24 -13.47 -11.85
C GLN B 238 8.41 -13.79 -10.93
#